data_5QIF
#
_entry.id   5QIF
#
_cell.length_a   97.780
_cell.length_b   97.780
_cell.length_c   81.268
_cell.angle_alpha   90.000
_cell.angle_beta   90.000
_cell.angle_gamma   90.000
#
_symmetry.space_group_name_H-M   'I 4'
#
loop_
_entity.id
_entity.type
_entity.pdbx_description
1 polymer 'Hydroxyacid oxidase 1'
2 non-polymer 'FLAVIN MONONUCLEOTIDE'
3 non-polymer 2-cyclohexyl-~{N}-pyridin-3-yl-ethanamide
4 water water
#
_entity_poly.entity_id   1
_entity_poly.type   'polypeptide(L)'
_entity_poly.pdbx_seq_one_letter_code
;SMLPRLICINDYEQHAKSVLPKSIYDYYRSGANDEETLADNIAAFSRWKLYPRMLRNVAETDLSTSVLGQRVSMPICVGA
TAMQRMAHVDGELATVRACQSLGTGMMLSSWATSSIEEVAEAGPEALRWLQLYIYKDREVTKKLVRQAEKMGYKAIFVTV
DTPYLGNRLDDVRNRFKLPPQLRMKNFETSTLSFSPEENFGDDSGLAAYVAKAIDPSISWEDIKWLRRLTSLPIVAKGIL
RGDDAREAVKHGLNGILVSNHGARQLDGVPATIDVLPEIVEAVEGKVEVFLDGGVRKGTDVLKALALGAKAVFVGRPIVW
GLAFQGEKGVQDVLEILKEEFRLAMALSGCQNVKVIDKTLVRKNPLAVS
;
_entity_poly.pdbx_strand_id   A
#
loop_
_chem_comp.id
_chem_comp.type
_chem_comp.name
_chem_comp.formula
FMN non-polymer 'FLAVIN MONONUCLEOTIDE' 'C17 H21 N4 O9 P'
GWS non-polymer 2-cyclohexyl-~{N}-pyridin-3-yl-ethanamide 'C13 H18 N2 O'
#
# COMPACT_ATOMS: atom_id res chain seq x y z
N ARG A 5 22.90 13.41 -6.84
CA ARG A 5 21.80 14.15 -6.19
C ARG A 5 20.97 13.38 -5.11
N LEU A 6 20.11 12.43 -5.45
CA LEU A 6 19.09 11.89 -4.51
C LEU A 6 19.52 10.52 -4.04
N ILE A 7 19.82 10.40 -2.74
CA ILE A 7 20.48 9.17 -2.24
C ILE A 7 19.70 8.44 -1.17
N CYS A 8 18.60 9.00 -0.73
CA CYS A 8 17.72 8.39 0.30
C CYS A 8 16.31 8.83 -0.01
N ILE A 9 15.33 8.18 0.64
CA ILE A 9 13.92 8.47 0.34
C ILE A 9 13.56 9.92 0.69
N ASN A 10 14.07 10.42 1.79
CA ASN A 10 13.79 11.84 2.15
C ASN A 10 14.18 12.81 1.04
N ASP A 11 15.28 12.53 0.37
CA ASP A 11 15.71 13.43 -0.75
C ASP A 11 14.68 13.46 -1.86
N TYR A 12 14.06 12.31 -2.15
CA TYR A 12 13.00 12.24 -3.16
C TYR A 12 11.78 13.08 -2.77
N GLU A 13 11.39 13.07 -1.50
CA GLU A 13 10.29 13.89 -1.09
C GLU A 13 10.63 15.37 -1.29
N GLN A 14 11.82 15.76 -0.84
CA GLN A 14 12.23 17.17 -0.98
C GLN A 14 12.23 17.61 -2.43
N HIS A 15 12.73 16.79 -3.34
CA HIS A 15 12.69 17.09 -4.77
C HIS A 15 11.25 17.21 -5.28
N ALA A 16 10.38 16.30 -4.85
CA ALA A 16 8.98 16.34 -5.26
C ALA A 16 8.30 17.63 -4.86
N LYS A 17 8.54 18.09 -3.64
CA LYS A 17 7.97 19.36 -3.17
C LYS A 17 8.41 20.51 -4.09
N SER A 18 9.65 20.44 -4.61
CA SER A 18 10.20 21.53 -5.44
C SER A 18 9.62 21.53 -6.86
N VAL A 19 9.15 20.40 -7.37
CA VAL A 19 8.64 20.31 -8.75
C VAL A 19 7.13 20.17 -8.92
N LEU A 20 6.41 19.64 -7.93
CA LEU A 20 4.98 19.45 -8.09
C LEU A 20 4.16 20.68 -7.77
N PRO A 21 3.04 20.89 -8.48
CA PRO A 21 2.09 21.93 -8.02
C PRO A 21 1.68 21.71 -6.56
N LYS A 22 1.49 22.78 -5.81
CA LYS A 22 1.17 22.68 -4.40
C LYS A 22 0.01 21.76 -4.11
N SER A 23 -1.10 21.90 -4.82
CA SER A 23 -2.29 21.09 -4.55
C SER A 23 -2.02 19.59 -4.68
N ILE A 24 -1.15 19.23 -5.63
CA ILE A 24 -0.80 17.83 -5.87
C ILE A 24 0.13 17.34 -4.78
N TYR A 25 1.18 18.10 -4.48
CA TYR A 25 2.11 17.71 -3.39
C TYR A 25 1.31 17.57 -2.09
N ASP A 26 0.45 18.53 -1.79
CA ASP A 26 -0.32 18.49 -0.53
C ASP A 26 -1.25 17.29 -0.49
N TYR A 27 -1.92 16.94 -1.58
CA TYR A 27 -2.78 15.75 -1.64
C TYR A 27 -1.98 14.51 -1.27
N TYR A 28 -0.78 14.38 -1.85
CA TYR A 28 0.03 13.21 -1.62
C TYR A 28 0.63 13.20 -0.20
N ARG A 29 1.09 14.34 0.30
CA ARG A 29 1.78 14.41 1.60
C ARG A 29 0.82 14.24 2.77
N SER A 30 -0.38 14.79 2.65
CA SER A 30 -1.23 15.05 3.82
C SER A 30 -1.62 13.81 4.59
N GLY A 31 -1.80 14.05 5.89
CA GLY A 31 -2.56 13.16 6.77
C GLY A 31 -3.88 13.80 7.15
N ALA A 32 -4.64 13.11 8.00
CA ALA A 32 -5.93 13.63 8.50
C ALA A 32 -5.74 14.64 9.63
N ASN A 33 -6.58 15.68 9.61
CA ASN A 33 -6.72 16.59 10.75
C ASN A 33 -5.37 17.16 11.17
N ASP A 34 -4.97 17.08 12.44
CA ASP A 34 -3.72 17.69 12.87
C ASP A 34 -2.50 16.80 12.62
N GLU A 35 -2.69 15.65 11.94
CA GLU A 35 -1.57 14.87 11.43
C GLU A 35 -0.70 14.29 12.52
N GLU A 36 -1.33 13.94 13.66
CA GLU A 36 -0.63 13.30 14.77
C GLU A 36 -0.15 11.90 14.39
N THR A 37 -0.99 11.08 13.78
CA THR A 37 -0.60 9.75 13.39
C THR A 37 0.44 9.83 12.26
N LEU A 38 0.35 10.82 11.36
CA LEU A 38 1.32 10.95 10.28
C LEU A 38 2.74 11.05 10.82
N ALA A 39 2.91 11.87 11.84
CA ALA A 39 4.23 12.01 12.49
C ALA A 39 4.60 10.73 13.22
N ASP A 40 3.65 10.10 13.89
CA ASP A 40 3.93 8.90 14.70
C ASP A 40 4.30 7.69 13.84
N ASN A 41 3.75 7.56 12.64
CA ASN A 41 4.12 6.42 11.80
C ASN A 41 5.63 6.37 11.58
N ILE A 42 6.26 7.55 11.49
CA ILE A 42 7.72 7.65 11.36
C ILE A 42 8.40 7.57 12.73
N ALA A 43 7.97 8.36 13.70
CA ALA A 43 8.62 8.42 15.02
C ALA A 43 8.61 7.06 15.72
N ALA A 44 7.55 6.27 15.53
CA ALA A 44 7.44 5.00 16.20
C ALA A 44 8.56 4.06 15.76
N PHE A 45 8.93 4.07 14.49
CA PHE A 45 10.04 3.20 14.06
C PHE A 45 11.29 3.54 14.83
N SER A 46 11.53 4.83 15.10
CA SER A 46 12.77 5.22 15.77
C SER A 46 12.80 4.72 17.23
N ARG A 47 11.64 4.51 17.87
CA ARG A 47 11.62 4.00 19.25
C ARG A 47 11.93 2.53 19.38
N TRP A 48 11.75 1.77 18.31
CA TRP A 48 12.14 0.36 18.28
C TRP A 48 13.64 0.28 18.00
N LYS A 49 14.41 -0.19 18.96
CA LYS A 49 15.85 -0.25 18.84
C LYS A 49 16.32 -1.63 18.38
N LEU A 50 17.43 -1.65 17.67
CA LEU A 50 18.03 -2.85 17.07
C LEU A 50 19.18 -3.39 17.92
N TYR A 51 19.21 -4.71 17.99
CA TYR A 51 20.18 -5.49 18.80
C TYR A 51 20.89 -6.45 17.89
N PRO A 52 21.87 -5.97 17.12
CA PRO A 52 22.48 -6.77 16.04
C PRO A 52 23.40 -7.87 16.53
N ARG A 53 23.37 -9.01 15.85
CA ARG A 53 24.37 -10.08 16.07
C ARG A 53 25.56 -9.86 15.15
N MET A 54 26.75 -10.13 15.70
CA MET A 54 28.01 -10.00 15.00
C MET A 54 28.51 -11.38 14.55
N LEU A 55 29.34 -11.39 13.53
CA LEU A 55 30.16 -12.57 13.20
C LEU A 55 29.31 -13.75 12.72
N ARG A 56 28.30 -13.47 11.90
CA ARG A 56 27.35 -14.50 11.42
C ARG A 56 27.58 -14.97 10.00
N ASN A 57 28.54 -14.38 9.30
CA ASN A 57 28.79 -14.61 7.87
C ASN A 57 27.66 -14.06 7.00
N VAL A 58 27.83 -12.81 6.55
CA VAL A 58 26.83 -12.12 5.75
C VAL A 58 27.39 -11.76 4.35
N ALA A 59 28.27 -12.59 3.82
CA ALA A 59 28.79 -12.41 2.46
C ALA A 59 27.70 -12.60 1.44
N GLU A 60 26.70 -13.45 1.75
CA GLU A 60 25.63 -13.78 0.77
C GLU A 60 24.18 -13.56 1.15
N THR A 61 23.80 -12.32 1.29
CA THR A 61 22.50 -12.00 1.86
C THR A 61 21.41 -12.18 0.83
N ASP A 62 20.39 -12.98 1.17
CA ASP A 62 19.28 -13.33 0.29
C ASP A 62 18.07 -12.55 0.81
N LEU A 63 17.59 -11.60 0.00
CA LEU A 63 16.43 -10.75 0.41
C LEU A 63 15.09 -11.35 -0.01
N SER A 64 15.12 -12.42 -0.79
CA SER A 64 13.88 -12.92 -1.37
C SER A 64 12.91 -13.49 -0.35
N THR A 65 11.63 -13.42 -0.69
CA THR A 65 10.60 -14.01 0.16
C THR A 65 9.39 -14.31 -0.73
N SER A 66 8.24 -14.54 -0.10
N SER A 66 8.24 -14.50 -0.12
N SER A 66 8.24 -14.54 -0.10
N SER A 66 8.24 -14.50 -0.12
CA SER A 66 6.99 -14.85 -0.80
CA SER A 66 7.02 -14.66 -0.90
CA SER A 66 6.99 -14.85 -0.80
CA SER A 66 7.02 -14.66 -0.90
C SER A 66 5.83 -14.06 -0.19
C SER A 66 5.90 -13.91 -0.23
C SER A 66 5.83 -14.06 -0.19
C SER A 66 5.90 -13.91 -0.23
N VAL A 67 4.88 -13.63 -1.03
CA VAL A 67 3.66 -12.88 -0.58
C VAL A 67 2.51 -13.71 -1.13
N LEU A 68 1.74 -14.31 -0.22
CA LEU A 68 0.58 -15.13 -0.60
C LEU A 68 0.93 -16.24 -1.62
N GLY A 69 2.11 -16.82 -1.46
CA GLY A 69 2.57 -17.91 -2.32
C GLY A 69 3.38 -17.50 -3.53
N GLN A 70 3.50 -16.21 -3.83
CA GLN A 70 4.18 -15.72 -5.03
C GLN A 70 5.53 -15.18 -4.61
N ARG A 71 6.61 -15.61 -5.25
CA ARG A 71 7.96 -15.16 -4.94
C ARG A 71 8.14 -13.68 -5.30
N VAL A 72 8.84 -12.99 -4.43
CA VAL A 72 9.29 -11.60 -4.66
C VAL A 72 10.79 -11.52 -4.33
N SER A 73 11.42 -10.52 -4.93
CA SER A 73 12.88 -10.34 -4.76
C SER A 73 13.25 -9.73 -3.42
N MET A 74 12.28 -9.16 -2.69
CA MET A 74 12.53 -8.47 -1.41
C MET A 74 11.18 -8.30 -0.72
N PRO A 75 11.18 -8.15 0.61
CA PRO A 75 9.91 -8.01 1.32
C PRO A 75 9.39 -6.57 1.36
N ILE A 76 9.49 -5.90 0.21
CA ILE A 76 9.22 -4.48 0.04
C ILE A 76 8.42 -4.36 -1.25
N CYS A 77 7.14 -3.99 -1.14
CA CYS A 77 6.21 -3.99 -2.27
C CYS A 77 5.55 -2.63 -2.38
N VAL A 78 4.98 -2.35 -3.55
CA VAL A 78 4.34 -1.06 -3.83
C VAL A 78 2.88 -1.09 -3.37
N GLY A 79 2.55 -0.19 -2.44
CA GLY A 79 1.15 -0.04 -1.99
C GLY A 79 0.32 0.83 -2.92
N ALA A 80 -1.00 0.69 -2.81
CA ALA A 80 -1.95 1.46 -3.64
C ALA A 80 -1.91 2.94 -3.28
N THR A 81 -1.61 3.78 -4.27
CA THR A 81 -1.73 5.24 -4.12
C THR A 81 -2.47 5.73 -5.34
N ALA A 82 -3.60 6.39 -5.11
CA ALA A 82 -4.46 6.84 -6.15
C ALA A 82 -3.81 7.86 -7.10
N MET A 83 -4.31 7.85 -8.33
CA MET A 83 -4.11 9.00 -9.23
C MET A 83 -2.67 9.36 -9.48
N GLN A 84 -1.88 8.34 -9.84
CA GLN A 84 -0.45 8.51 -10.02
C GLN A 84 -0.04 9.37 -11.25
N ARG A 85 -0.93 9.53 -12.24
CA ARG A 85 -0.59 10.40 -13.37
C ARG A 85 -0.53 11.88 -12.98
N MET A 86 -1.00 12.27 -11.79
CA MET A 86 -0.72 13.63 -11.31
C MET A 86 0.75 13.88 -11.06
N ALA A 87 1.51 12.83 -10.73
CA ALA A 87 2.92 12.96 -10.39
C ALA A 87 3.82 12.90 -11.61
N HIS A 88 3.38 12.15 -12.61
CA HIS A 88 4.18 11.91 -13.82
C HIS A 88 3.24 11.45 -14.89
N VAL A 89 3.49 11.92 -16.13
CA VAL A 89 2.60 11.59 -17.23
C VAL A 89 2.30 10.10 -17.40
N ASP A 90 3.27 9.23 -17.08
CA ASP A 90 3.09 7.77 -17.29
C ASP A 90 2.45 7.06 -16.06
N GLY A 91 2.38 7.77 -14.91
CA GLY A 91 1.69 7.26 -13.72
C GLY A 91 1.89 5.79 -13.40
N GLU A 92 0.77 5.09 -13.32
CA GLU A 92 0.74 3.68 -12.91
C GLU A 92 1.49 2.76 -13.90
N LEU A 93 1.57 3.15 -15.17
CA LEU A 93 2.34 2.36 -16.15
C LEU A 93 3.84 2.38 -15.85
N ALA A 94 4.33 3.53 -15.48
CA ALA A 94 5.71 3.67 -15.03
C ALA A 94 5.93 2.82 -13.78
N THR A 95 5.01 2.88 -12.81
CA THR A 95 5.17 2.10 -11.56
C THR A 95 5.23 0.63 -11.82
N VAL A 96 4.32 0.10 -12.65
CA VAL A 96 4.31 -1.33 -12.87
C VAL A 96 5.56 -1.85 -13.62
N ARG A 97 6.06 -1.02 -14.53
CA ARG A 97 7.28 -1.36 -15.24
C ARG A 97 8.47 -1.46 -14.28
N ALA A 98 8.56 -0.52 -13.33
CA ALA A 98 9.61 -0.57 -12.33
C ALA A 98 9.49 -1.80 -11.41
N CYS A 99 8.27 -2.13 -11.03
CA CYS A 99 8.05 -3.32 -10.21
C CYS A 99 8.51 -4.58 -10.96
N GLN A 100 8.22 -4.66 -12.25
CA GLN A 100 8.64 -5.79 -13.09
C GLN A 100 10.18 -5.88 -13.09
N SER A 101 10.85 -4.75 -13.25
CA SER A 101 12.33 -4.73 -13.27
C SER A 101 12.90 -5.21 -11.94
N LEU A 102 12.30 -4.75 -10.83
CA LEU A 102 12.77 -5.12 -9.49
C LEU A 102 12.44 -6.54 -9.09
N GLY A 103 11.40 -7.15 -9.65
CA GLY A 103 10.94 -8.44 -9.16
C GLY A 103 10.08 -8.35 -7.92
N THR A 104 9.39 -7.22 -7.74
CA THR A 104 8.47 -7.06 -6.64
C THR A 104 7.05 -6.80 -7.14
N GLY A 105 6.11 -6.75 -6.22
CA GLY A 105 4.70 -6.62 -6.55
C GLY A 105 4.17 -5.22 -6.47
N MET A 106 3.14 -4.96 -7.28
CA MET A 106 2.41 -3.67 -7.28
C MET A 106 0.94 -3.89 -6.91
N MET A 107 0.50 -3.20 -5.85
CA MET A 107 -0.90 -3.12 -5.51
C MET A 107 -1.51 -1.93 -6.25
N LEU A 108 -2.46 -2.19 -7.16
CA LEU A 108 -3.07 -1.15 -7.98
C LEU A 108 -4.34 -0.58 -7.29
N SER A 109 -4.36 0.73 -7.14
CA SER A 109 -5.53 1.42 -6.60
C SER A 109 -6.78 1.26 -7.44
N SER A 110 -7.93 1.13 -6.79
CA SER A 110 -9.21 1.23 -7.56
C SER A 110 -9.39 2.61 -8.16
N TRP A 111 -8.73 3.62 -7.59
CA TRP A 111 -8.77 5.05 -8.02
C TRP A 111 -7.55 5.43 -8.87
N ALA A 112 -7.03 4.45 -9.61
CA ALA A 112 -5.92 4.69 -10.51
C ALA A 112 -6.32 5.56 -11.70
N THR A 113 -5.36 6.35 -12.17
CA THR A 113 -5.45 7.07 -13.45
C THR A 113 -5.08 6.24 -14.70
N SER A 114 -5.01 4.92 -14.52
CA SER A 114 -4.79 3.96 -15.60
C SER A 114 -5.68 2.75 -15.32
N SER A 115 -6.19 2.08 -16.36
CA SER A 115 -7.12 0.96 -16.11
C SER A 115 -6.38 -0.32 -15.70
N ILE A 116 -7.14 -1.22 -15.11
CA ILE A 116 -6.67 -2.58 -14.78
C ILE A 116 -6.00 -3.24 -16.00
N GLU A 117 -6.65 -3.16 -17.15
CA GLU A 117 -6.09 -3.75 -18.36
C GLU A 117 -4.81 -3.02 -18.83
N GLU A 118 -4.80 -1.69 -18.79
CA GLU A 118 -3.64 -0.91 -19.24
C GLU A 118 -2.41 -1.28 -18.39
N VAL A 119 -2.63 -1.43 -17.07
CA VAL A 119 -1.52 -1.77 -16.17
C VAL A 119 -1.03 -3.19 -16.43
N ALA A 120 -1.94 -4.14 -16.63
CA ALA A 120 -1.51 -5.50 -16.99
C ALA A 120 -0.72 -5.55 -18.31
N GLU A 121 -1.09 -4.73 -19.27
CA GLU A 121 -0.42 -4.72 -20.59
C GLU A 121 0.97 -4.11 -20.45
N ALA A 122 1.12 -3.12 -19.57
CA ALA A 122 2.44 -2.50 -19.36
C ALA A 122 3.40 -3.37 -18.53
N GLY A 123 2.84 -4.20 -17.64
CA GLY A 123 3.61 -5.09 -16.75
C GLY A 123 3.12 -6.51 -16.75
N PRO A 124 3.14 -7.17 -17.91
CA PRO A 124 2.54 -8.51 -17.99
C PRO A 124 3.23 -9.51 -17.05
N GLU A 125 4.54 -9.40 -16.91
CA GLU A 125 5.32 -10.28 -16.04
C GLU A 125 5.44 -9.83 -14.60
N ALA A 126 4.95 -8.63 -14.29
CA ALA A 126 4.97 -8.15 -12.92
C ALA A 126 3.92 -8.85 -12.06
N LEU A 127 4.27 -9.09 -10.80
CA LEU A 127 3.30 -9.51 -9.78
C LEU A 127 2.41 -8.31 -9.46
N ARG A 128 1.09 -8.50 -9.64
CA ARG A 128 0.11 -7.40 -9.52
C ARG A 128 -1.07 -7.83 -8.70
N TRP A 129 -1.54 -6.94 -7.82
CA TRP A 129 -2.74 -7.19 -7.04
C TRP A 129 -3.65 -5.98 -7.17
N LEU A 130 -4.97 -6.18 -6.95
CA LEU A 130 -5.92 -5.08 -6.99
C LEU A 130 -6.35 -4.67 -5.60
N GLN A 131 -6.22 -3.36 -5.30
CA GLN A 131 -6.87 -2.78 -4.10
C GLN A 131 -8.30 -2.42 -4.51
N LEU A 132 -9.24 -2.94 -3.72
CA LEU A 132 -10.67 -2.81 -3.94
C LEU A 132 -11.36 -1.94 -2.90
N TYR A 133 -12.17 -1.00 -3.38
CA TYR A 133 -13.19 -0.36 -2.56
C TYR A 133 -14.55 -0.97 -2.91
N ILE A 134 -15.37 -1.16 -1.89
CA ILE A 134 -16.73 -1.57 -2.08
C ILE A 134 -17.62 -0.36 -2.41
N TYR A 135 -17.94 -0.23 -3.69
CA TYR A 135 -18.87 0.80 -4.19
C TYR A 135 -20.31 0.47 -3.81
N LYS A 136 -21.10 1.53 -3.60
CA LYS A 136 -22.57 1.33 -3.40
C LYS A 136 -23.11 0.45 -4.54
N ASP A 137 -22.65 0.72 -5.77
CA ASP A 137 -22.95 -0.12 -6.92
C ASP A 137 -22.11 -1.41 -6.87
N ARG A 138 -22.73 -2.51 -6.48
CA ARG A 138 -22.06 -3.82 -6.43
C ARG A 138 -21.74 -4.41 -7.78
N GLU A 139 -22.44 -3.94 -8.82
CA GLU A 139 -22.13 -4.39 -10.18
C GLU A 139 -20.77 -3.79 -10.61
N VAL A 140 -20.53 -2.52 -10.32
CA VAL A 140 -19.21 -1.84 -10.53
C VAL A 140 -18.15 -2.66 -9.78
N THR A 141 -18.44 -2.95 -8.51
CA THR A 141 -17.44 -3.59 -7.66
C THR A 141 -17.07 -4.97 -8.23
N LYS A 142 -18.08 -5.74 -8.58
CA LYS A 142 -17.90 -7.05 -9.21
C LYS A 142 -17.07 -6.96 -10.50
N LYS A 143 -17.34 -5.96 -11.32
CA LYS A 143 -16.65 -5.75 -12.60
C LYS A 143 -15.16 -5.54 -12.35
N LEU A 144 -14.80 -4.74 -11.35
CA LEU A 144 -13.40 -4.59 -10.96
C LEU A 144 -12.74 -5.91 -10.59
N VAL A 145 -13.39 -6.69 -9.74
CA VAL A 145 -12.87 -8.01 -9.35
C VAL A 145 -12.72 -8.92 -10.57
N ARG A 146 -13.74 -8.98 -11.41
CA ARG A 146 -13.69 -9.84 -12.61
C ARG A 146 -12.57 -9.43 -13.58
N GLN A 147 -12.37 -8.13 -13.75
N GLN A 147 -12.37 -8.13 -13.75
N GLN A 147 -12.37 -8.12 -13.78
N GLN A 147 -12.37 -8.12 -13.78
CA GLN A 147 -11.28 -7.63 -14.58
CA GLN A 147 -11.28 -7.63 -14.58
CA GLN A 147 -11.26 -7.64 -14.60
CA GLN A 147 -11.26 -7.64 -14.60
C GLN A 147 -9.90 -7.97 -14.03
C GLN A 147 -9.90 -7.97 -14.03
C GLN A 147 -9.90 -8.03 -14.03
C GLN A 147 -9.90 -8.03 -14.03
N ALA A 148 -9.76 -7.89 -12.70
CA ALA A 148 -8.50 -8.29 -12.01
C ALA A 148 -8.23 -9.77 -12.26
N GLU A 149 -9.25 -10.62 -12.14
CA GLU A 149 -9.09 -12.05 -12.40
C GLU A 149 -8.65 -12.31 -13.83
N LYS A 150 -9.37 -11.71 -14.77
CA LYS A 150 -9.13 -11.90 -16.23
C LYS A 150 -7.73 -11.41 -16.63
N MET A 151 -7.27 -10.36 -15.98
CA MET A 151 -6.02 -9.71 -16.36
C MET A 151 -4.79 -10.17 -15.53
N GLY A 152 -4.91 -11.26 -14.82
CA GLY A 152 -3.78 -11.90 -14.22
C GLY A 152 -3.31 -11.35 -12.87
N TYR A 153 -4.19 -10.62 -12.18
CA TYR A 153 -3.87 -10.09 -10.84
C TYR A 153 -4.01 -11.26 -9.87
N LYS A 154 -3.21 -11.27 -8.81
CA LYS A 154 -3.07 -12.44 -7.97
C LYS A 154 -3.70 -12.38 -6.60
N ALA A 155 -4.26 -11.23 -6.22
CA ALA A 155 -4.96 -11.08 -4.95
C ALA A 155 -5.81 -9.79 -5.01
N ILE A 156 -6.76 -9.74 -4.08
CA ILE A 156 -7.57 -8.54 -3.82
C ILE A 156 -7.22 -8.04 -2.41
N PHE A 157 -6.88 -6.76 -2.31
CA PHE A 157 -6.70 -6.09 -1.01
C PHE A 157 -7.92 -5.20 -0.81
N VAL A 158 -8.83 -5.67 0.04
CA VAL A 158 -10.05 -4.91 0.28
C VAL A 158 -9.83 -3.90 1.40
N THR A 159 -10.04 -2.63 1.07
CA THR A 159 -9.83 -1.56 2.06
C THR A 159 -11.03 -1.47 2.96
N VAL A 160 -10.83 -1.56 4.27
CA VAL A 160 -11.93 -1.65 5.25
C VAL A 160 -12.00 -0.47 6.21
N ASP A 161 -11.16 0.56 6.00
CA ASP A 161 -11.08 1.71 6.92
C ASP A 161 -11.60 3.02 6.34
N THR A 162 -12.35 2.95 5.25
CA THR A 162 -12.78 4.14 4.50
C THR A 162 -14.28 4.09 4.18
N PRO A 163 -15.16 4.00 5.21
CA PRO A 163 -16.60 4.14 4.93
C PRO A 163 -16.94 5.54 4.43
N TYR A 164 -16.16 6.51 4.91
CA TYR A 164 -16.12 7.91 4.45
C TYR A 164 -14.64 8.28 4.34
N LEU A 165 -14.34 9.33 3.60
CA LEU A 165 -12.96 9.80 3.55
C LEU A 165 -12.58 10.56 4.80
N GLY A 166 -11.32 10.38 5.23
CA GLY A 166 -10.79 11.26 6.26
C GLY A 166 -10.76 12.71 5.82
N ASN A 167 -10.62 13.61 6.79
CA ASN A 167 -10.60 15.06 6.60
C ASN A 167 -9.17 15.54 6.52
N ARG A 168 -8.67 15.68 5.27
CA ARG A 168 -7.30 16.16 5.03
C ARG A 168 -7.40 17.67 4.78
N LEU A 169 -6.94 18.45 5.73
CA LEU A 169 -7.22 19.88 5.76
C LEU A 169 -6.69 20.63 4.51
N ASP A 170 -5.49 20.31 4.05
CA ASP A 170 -5.01 20.99 2.84
C ASP A 170 -5.90 20.69 1.63
N ASP A 171 -6.44 19.47 1.49
CA ASP A 171 -7.33 19.19 0.34
C ASP A 171 -8.59 20.03 0.38
N VAL A 172 -9.09 20.32 1.58
CA VAL A 172 -10.25 21.21 1.74
C VAL A 172 -9.84 22.64 1.34
N ARG A 173 -8.70 23.12 1.86
CA ARG A 173 -8.19 24.47 1.52
C ARG A 173 -7.96 24.62 0.03
N ASN A 174 -7.39 23.59 -0.59
CA ASN A 174 -7.01 23.63 -2.00
C ASN A 174 -8.18 23.25 -2.92
N ARG A 175 -9.30 22.77 -2.34
CA ARG A 175 -10.43 22.25 -3.13
C ARG A 175 -9.96 21.19 -4.14
N PHE A 176 -9.24 20.20 -3.60
CA PHE A 176 -8.57 19.20 -4.40
C PHE A 176 -9.53 18.54 -5.41
N LYS A 177 -9.02 18.36 -6.64
CA LYS A 177 -9.69 17.61 -7.71
C LYS A 177 -8.60 17.20 -8.72
N LEU A 178 -8.94 16.33 -9.66
CA LEU A 178 -7.99 15.97 -10.71
C LEU A 178 -7.67 17.14 -11.65
N PRO A 179 -6.44 17.23 -12.18
CA PRO A 179 -6.14 18.07 -13.33
C PRO A 179 -7.02 17.73 -14.52
N PRO A 180 -7.22 18.69 -15.46
CA PRO A 180 -8.25 18.55 -16.49
C PRO A 180 -8.12 17.34 -17.42
N GLN A 181 -6.90 16.88 -17.68
CA GLN A 181 -6.74 15.82 -18.69
C GLN A 181 -6.85 14.40 -18.11
N LEU A 182 -7.11 14.26 -16.80
CA LEU A 182 -7.03 12.96 -16.13
C LEU A 182 -8.37 12.48 -15.59
N ARG A 183 -8.50 11.17 -15.42
CA ARG A 183 -9.70 10.52 -14.89
C ARG A 183 -9.32 9.30 -14.09
N MET A 184 -10.21 8.88 -13.19
CA MET A 184 -10.13 7.52 -12.64
C MET A 184 -10.61 6.57 -13.75
N LYS A 185 -9.66 5.87 -14.36
CA LYS A 185 -9.84 5.15 -15.62
C LYS A 185 -10.52 3.79 -15.53
N ASN A 186 -10.90 3.32 -14.32
CA ASN A 186 -11.64 2.08 -14.18
C ASN A 186 -13.14 2.21 -14.32
N PHE A 187 -13.62 3.43 -14.54
CA PHE A 187 -15.06 3.72 -14.52
C PHE A 187 -15.43 4.52 -15.73
N GLU A 188 -16.72 4.49 -16.02
CA GLU A 188 -17.21 5.03 -17.30
C GLU A 188 -18.00 6.34 -17.18
N THR A 189 -18.76 6.50 -16.10
CA THR A 189 -19.60 7.69 -15.92
C THR A 189 -18.77 8.86 -15.37
N SER A 190 -19.23 10.09 -15.61
CA SER A 190 -18.48 11.28 -15.20
C SER A 190 -18.25 11.31 -13.68
N THR A 191 -19.24 10.87 -12.91
CA THR A 191 -19.12 10.91 -11.44
C THR A 191 -18.15 9.84 -10.98
N LEU A 192 -18.33 8.60 -11.44
CA LEU A 192 -17.47 7.51 -10.96
C LEU A 192 -16.02 7.66 -11.42
N SER A 193 -15.80 8.33 -12.54
CA SER A 193 -14.45 8.61 -13.02
C SER A 193 -13.81 9.82 -12.35
N PHE A 194 -14.50 10.44 -11.38
CA PHE A 194 -14.01 11.63 -10.69
C PHE A 194 -13.67 12.75 -11.68
N SER A 195 -14.54 12.97 -12.68
CA SER A 195 -14.29 14.02 -13.64
C SER A 195 -14.22 15.36 -12.91
N PRO A 196 -13.16 16.17 -13.16
CA PRO A 196 -13.08 17.48 -12.51
C PRO A 196 -14.10 18.49 -13.06
N GLU A 197 -14.85 18.09 -14.09
CA GLU A 197 -15.98 18.89 -14.55
C GLU A 197 -17.33 18.60 -13.85
N GLU A 198 -17.39 17.58 -12.99
CA GLU A 198 -18.62 17.23 -12.25
C GLU A 198 -18.67 18.04 -10.94
N ASN A 199 -19.88 18.24 -10.42
CA ASN A 199 -20.07 19.03 -9.18
C ASN A 199 -19.79 18.16 -7.96
N PHE A 200 -18.63 18.38 -7.33
CA PHE A 200 -18.24 17.68 -6.09
C PHE A 200 -18.18 18.64 -4.90
N GLY A 201 -19.03 19.67 -4.91
CA GLY A 201 -19.17 20.60 -3.78
C GLY A 201 -18.02 21.56 -3.62
N ASP A 202 -17.98 22.20 -2.45
CA ASP A 202 -17.14 23.38 -2.21
C ASP A 202 -15.87 23.07 -1.42
N ASP A 203 -15.68 21.83 -0.99
CA ASP A 203 -14.60 21.43 -0.08
C ASP A 203 -13.67 20.49 -0.84
N SER A 204 -13.16 19.41 -0.22
CA SER A 204 -12.35 18.46 -1.00
C SER A 204 -13.23 17.74 -2.00
N GLY A 205 -12.85 17.79 -3.28
CA GLY A 205 -13.56 17.04 -4.31
C GLY A 205 -13.57 15.56 -4.04
N LEU A 206 -12.45 15.03 -3.53
CA LEU A 206 -12.34 13.59 -3.27
C LEU A 206 -13.25 13.16 -2.13
N ALA A 207 -13.37 13.97 -1.07
CA ALA A 207 -14.27 13.58 0.05
C ALA A 207 -15.71 13.46 -0.46
N ALA A 208 -16.13 14.39 -1.33
CA ALA A 208 -17.46 14.35 -1.93
C ALA A 208 -17.63 13.17 -2.88
N TYR A 209 -16.60 12.84 -3.65
CA TYR A 209 -16.62 11.66 -4.52
C TYR A 209 -16.90 10.43 -3.68
N VAL A 210 -16.14 10.28 -2.59
CA VAL A 210 -16.32 9.11 -1.70
C VAL A 210 -17.74 9.04 -1.19
N ALA A 211 -18.26 10.17 -0.70
CA ALA A 211 -19.61 10.20 -0.14
C ALA A 211 -20.68 9.78 -1.19
N LYS A 212 -20.45 10.15 -2.44
CA LYS A 212 -21.36 9.77 -3.54
C LYS A 212 -21.24 8.33 -3.99
N ALA A 213 -20.00 7.78 -4.01
CA ALA A 213 -19.68 6.53 -4.67
C ALA A 213 -19.46 5.31 -3.77
N ILE A 214 -18.85 5.53 -2.61
CA ILE A 214 -18.36 4.46 -1.75
C ILE A 214 -19.40 4.16 -0.63
N ASP A 215 -19.61 2.89 -0.32
CA ASP A 215 -20.72 2.50 0.56
C ASP A 215 -20.34 2.58 2.04
N PRO A 216 -20.93 3.53 2.81
CA PRO A 216 -20.59 3.59 4.25
C PRO A 216 -21.23 2.48 5.08
N SER A 217 -22.16 1.73 4.49
CA SER A 217 -22.82 0.68 5.21
C SER A 217 -22.04 -0.60 5.28
N ILE A 218 -20.86 -0.67 4.68
CA ILE A 218 -20.39 -2.03 4.60
C ILE A 218 -19.99 -2.63 5.92
N SER A 219 -20.14 -3.95 5.94
CA SER A 219 -20.09 -4.70 7.16
C SER A 219 -19.38 -6.03 6.86
N TRP A 220 -19.25 -6.84 7.89
CA TRP A 220 -18.74 -8.19 7.71
C TRP A 220 -19.59 -9.01 6.72
N GLU A 221 -20.88 -8.71 6.60
CA GLU A 221 -21.69 -9.38 5.56
C GLU A 221 -21.21 -9.12 4.11
N ASP A 222 -20.68 -7.93 3.86
CA ASP A 222 -20.10 -7.60 2.57
C ASP A 222 -18.77 -8.31 2.33
N ILE A 223 -18.04 -8.56 3.41
CA ILE A 223 -16.83 -9.41 3.31
C ILE A 223 -17.22 -10.82 2.94
N LYS A 224 -18.30 -11.33 3.51
CA LYS A 224 -18.82 -12.67 3.14
C LYS A 224 -19.16 -12.70 1.67
N TRP A 225 -19.82 -11.65 1.16
CA TRP A 225 -20.16 -11.50 -0.26
C TRP A 225 -18.90 -11.54 -1.13
N LEU A 226 -17.88 -10.77 -0.75
CA LEU A 226 -16.65 -10.70 -1.52
C LEU A 226 -15.91 -12.06 -1.51
N ARG A 227 -15.91 -12.72 -0.35
CA ARG A 227 -15.27 -14.04 -0.22
C ARG A 227 -15.94 -15.08 -1.16
N ARG A 228 -17.25 -15.00 -1.33
N ARG A 228 -17.25 -15.00 -1.33
N ARG A 228 -17.24 -14.97 -1.37
N ARG A 228 -17.24 -14.97 -1.37
CA ARG A 228 -17.98 -15.89 -2.25
CA ARG A 228 -17.98 -15.89 -2.25
CA ARG A 228 -18.00 -15.86 -2.27
CA ARG A 228 -18.00 -15.86 -2.27
C ARG A 228 -17.76 -15.51 -3.71
C ARG A 228 -17.76 -15.51 -3.71
C ARG A 228 -17.94 -15.46 -3.72
C ARG A 228 -17.94 -15.46 -3.72
N LEU A 229 -17.57 -14.21 -3.98
CA LEU A 229 -17.47 -13.69 -5.33
C LEU A 229 -16.22 -14.16 -6.06
N THR A 230 -15.10 -14.29 -5.35
CA THR A 230 -13.83 -14.61 -5.99
C THR A 230 -13.09 -15.67 -5.21
N SER A 231 -12.36 -16.53 -5.92
N SER A 231 -12.36 -16.53 -5.92
N SER A 231 -12.37 -16.50 -5.96
N SER A 231 -12.37 -16.50 -5.96
CA SER A 231 -11.45 -17.47 -5.26
CA SER A 231 -11.45 -17.47 -5.26
CA SER A 231 -11.46 -17.48 -5.40
CA SER A 231 -11.46 -17.48 -5.40
C SER A 231 -10.02 -16.94 -5.17
C SER A 231 -10.02 -16.94 -5.17
C SER A 231 -10.06 -16.92 -5.14
C SER A 231 -10.06 -16.92 -5.14
N LEU A 232 -9.78 -15.71 -5.64
CA LEU A 232 -8.46 -15.07 -5.43
C LEU A 232 -8.20 -14.89 -3.94
N PRO A 233 -6.92 -14.93 -3.54
CA PRO A 233 -6.62 -14.54 -2.16
C PRO A 233 -7.14 -13.11 -1.84
N ILE A 234 -7.67 -12.94 -0.62
CA ILE A 234 -8.19 -11.64 -0.19
C ILE A 234 -7.46 -11.23 1.08
N VAL A 235 -6.96 -9.99 1.10
CA VAL A 235 -6.31 -9.41 2.28
C VAL A 235 -7.17 -8.26 2.77
N ALA A 236 -7.43 -8.22 4.08
CA ALA A 236 -8.13 -7.08 4.70
C ALA A 236 -7.10 -5.99 4.97
N LYS A 237 -7.30 -4.83 4.35
CA LYS A 237 -6.37 -3.69 4.43
C LYS A 237 -6.98 -2.60 5.31
N GLY A 238 -6.28 -2.25 6.41
CA GLY A 238 -6.75 -1.18 7.30
C GLY A 238 -7.16 -1.64 8.69
N ILE A 239 -6.91 -2.88 9.03
CA ILE A 239 -7.20 -3.41 10.36
C ILE A 239 -6.16 -2.93 11.38
N LEU A 240 -6.67 -2.49 12.55
CA LEU A 240 -5.83 -1.98 13.63
C LEU A 240 -6.06 -2.65 14.98
N ARG A 241 -7.07 -3.54 15.08
CA ARG A 241 -7.43 -4.24 16.32
C ARG A 241 -7.29 -5.75 16.13
N GLY A 242 -6.82 -6.40 17.19
CA GLY A 242 -6.74 -7.86 17.19
C GLY A 242 -8.07 -8.57 17.03
N ASP A 243 -9.12 -8.02 17.65
CA ASP A 243 -10.44 -8.65 17.49
C ASP A 243 -10.95 -8.63 16.04
N ASP A 244 -10.73 -7.50 15.34
CA ASP A 244 -11.08 -7.43 13.92
C ASP A 244 -10.19 -8.40 13.08
N ALA A 245 -8.90 -8.50 13.41
CA ALA A 245 -8.05 -9.44 12.71
C ALA A 245 -8.55 -10.88 12.84
N ARG A 246 -9.01 -11.24 14.05
CA ARG A 246 -9.54 -12.60 14.24
C ARG A 246 -10.83 -12.80 13.41
N GLU A 247 -11.68 -11.77 13.35
CA GLU A 247 -12.88 -11.83 12.53
C GLU A 247 -12.53 -12.00 11.05
N ALA A 248 -11.49 -11.32 10.55
CA ALA A 248 -11.10 -11.50 9.17
C ALA A 248 -10.68 -12.97 8.88
N VAL A 249 -9.95 -13.55 9.82
CA VAL A 249 -9.55 -14.96 9.65
C VAL A 249 -10.82 -15.86 9.62
N LYS A 250 -11.78 -15.59 10.51
CA LYS A 250 -13.04 -16.38 10.55
C LYS A 250 -13.85 -16.27 9.26
N HIS A 251 -13.71 -15.16 8.54
CA HIS A 251 -14.37 -14.96 7.25
C HIS A 251 -13.63 -15.58 6.08
N GLY A 252 -12.55 -16.32 6.34
CA GLY A 252 -11.85 -17.02 5.27
C GLY A 252 -10.91 -16.14 4.46
N LEU A 253 -10.55 -14.96 5.02
CA LEU A 253 -9.58 -14.13 4.33
C LEU A 253 -8.16 -14.69 4.51
N ASN A 254 -7.26 -14.28 3.64
CA ASN A 254 -5.94 -14.90 3.50
C ASN A 254 -4.80 -14.04 3.98
N GLY A 255 -5.06 -12.86 4.55
CA GLY A 255 -4.01 -11.99 5.09
C GLY A 255 -4.59 -10.76 5.71
N ILE A 256 -3.76 -10.07 6.49
CA ILE A 256 -4.14 -8.79 7.12
C ILE A 256 -3.04 -7.81 6.73
N LEU A 257 -3.41 -6.65 6.19
CA LEU A 257 -2.49 -5.53 6.00
C LEU A 257 -2.79 -4.50 7.11
N VAL A 258 -1.91 -4.52 8.10
CA VAL A 258 -1.96 -3.61 9.23
C VAL A 258 -1.60 -2.22 8.65
N SER A 259 -2.56 -1.32 8.73
CA SER A 259 -2.52 -0.07 8.01
C SER A 259 -3.44 0.91 8.70
N ASN A 260 -2.97 2.17 8.79
CA ASN A 260 -3.81 3.31 9.15
C ASN A 260 -4.04 4.21 7.96
N HIS A 261 -3.92 3.65 6.76
CA HIS A 261 -4.19 4.35 5.52
C HIS A 261 -3.21 5.52 5.31
N GLY A 262 -1.97 5.30 5.69
CA GLY A 262 -0.97 6.36 5.61
C GLY A 262 -1.34 7.56 6.49
N ALA A 263 -2.05 7.30 7.59
CA ALA A 263 -2.44 8.30 8.55
C ALA A 263 -3.44 9.31 7.95
N ARG A 264 -4.21 8.87 6.95
CA ARG A 264 -5.12 9.76 6.20
C ARG A 264 -6.60 9.61 6.56
N GLN A 265 -6.94 8.67 7.45
CA GLN A 265 -8.32 8.38 7.79
C GLN A 265 -8.63 8.92 9.20
N LEU A 266 -8.60 8.07 10.22
CA LEU A 266 -8.84 8.55 11.60
C LEU A 266 -7.51 8.99 12.20
N ASP A 267 -7.42 10.27 12.56
CA ASP A 267 -6.18 10.72 13.24
C ASP A 267 -6.20 10.38 14.71
N GLY A 268 -5.02 10.04 15.22
CA GLY A 268 -4.86 9.67 16.60
C GLY A 268 -4.93 8.18 16.86
N VAL A 269 -5.00 7.39 15.80
CA VAL A 269 -4.74 5.96 15.93
C VAL A 269 -3.22 5.74 16.12
N PRO A 270 -2.81 4.58 16.67
CA PRO A 270 -1.38 4.31 16.83
C PRO A 270 -0.69 4.15 15.49
N ALA A 271 0.63 4.27 15.57
CA ALA A 271 1.50 3.89 14.46
C ALA A 271 1.33 2.41 14.13
N THR A 272 1.46 2.07 12.83
CA THR A 272 1.29 0.68 12.45
C THR A 272 2.36 -0.24 13.05
N ILE A 273 3.61 0.24 13.21
CA ILE A 273 4.65 -0.64 13.77
C ILE A 273 4.32 -0.97 15.23
N ASP A 274 3.60 -0.08 15.92
CA ASP A 274 3.24 -0.34 17.30
C ASP A 274 2.06 -1.28 17.47
N VAL A 275 1.15 -1.34 16.51
CA VAL A 275 0.02 -2.28 16.63
C VAL A 275 0.34 -3.62 15.97
N LEU A 276 1.39 -3.70 15.13
CA LEU A 276 1.75 -4.95 14.44
C LEU A 276 1.88 -6.16 15.39
N PRO A 277 2.58 -6.01 16.54
CA PRO A 277 2.70 -7.24 17.36
C PRO A 277 1.35 -7.79 17.84
N GLU A 278 0.39 -6.93 18.19
CA GLU A 278 -0.95 -7.41 18.62
C GLU A 278 -1.60 -8.19 17.53
N ILE A 279 -1.49 -7.72 16.29
CA ILE A 279 -2.16 -8.37 15.20
C ILE A 279 -1.49 -9.70 14.86
N VAL A 280 -0.15 -9.74 14.82
CA VAL A 280 0.58 -10.99 14.60
C VAL A 280 0.16 -12.03 15.67
N GLU A 281 0.07 -11.62 16.92
CA GLU A 281 -0.36 -12.55 17.99
C GLU A 281 -1.77 -13.04 17.77
N ALA A 282 -2.69 -12.12 17.44
CA ALA A 282 -4.09 -12.43 17.28
C ALA A 282 -4.39 -13.45 16.20
N VAL A 283 -3.63 -13.47 15.10
CA VAL A 283 -3.96 -14.39 14.01
C VAL A 283 -3.30 -15.77 14.15
N GLU A 284 -2.39 -15.93 15.11
CA GLU A 284 -1.92 -17.29 15.48
C GLU A 284 -1.35 -18.04 14.29
N GLY A 285 -0.64 -17.34 13.42
CA GLY A 285 -0.03 -17.98 12.26
C GLY A 285 -0.95 -18.42 11.13
N LYS A 286 -2.24 -18.10 11.25
CA LYS A 286 -3.21 -18.65 10.29
C LYS A 286 -3.15 -17.98 8.94
N VAL A 287 -2.76 -16.68 8.90
CA VAL A 287 -2.61 -15.91 7.66
C VAL A 287 -1.37 -15.02 7.80
N GLU A 288 -0.84 -14.64 6.65
CA GLU A 288 0.24 -13.63 6.61
C GLU A 288 -0.26 -12.27 7.08
N VAL A 289 0.63 -11.55 7.75
CA VAL A 289 0.40 -10.19 8.20
C VAL A 289 1.45 -9.27 7.54
N PHE A 290 0.97 -8.17 6.94
CA PHE A 290 1.77 -7.15 6.26
C PHE A 290 1.65 -5.84 7.00
N LEU A 291 2.54 -4.90 6.71
CA LEU A 291 2.48 -3.56 7.30
C LEU A 291 2.68 -2.51 6.22
N ASP A 292 1.99 -1.37 6.37
CA ASP A 292 2.36 -0.14 5.67
C ASP A 292 2.22 1.00 6.65
N GLY A 293 2.75 2.17 6.27
CA GLY A 293 2.71 3.38 7.08
C GLY A 293 4.07 3.75 7.66
N GLY A 294 4.71 4.73 7.04
CA GLY A 294 5.95 5.27 7.55
C GLY A 294 7.22 4.54 7.15
N VAL A 295 7.15 3.59 6.22
CA VAL A 295 8.38 2.91 5.79
C VAL A 295 9.16 3.81 4.83
N ARG A 296 10.37 4.18 5.27
CA ARG A 296 11.24 5.08 4.52
C ARG A 296 12.65 4.57 4.38
N LYS A 297 13.06 3.60 5.19
CA LYS A 297 14.45 3.17 5.34
C LYS A 297 14.52 1.65 5.43
N GLY A 298 15.67 1.11 5.05
CA GLY A 298 15.89 -0.33 5.22
C GLY A 298 15.71 -0.83 6.64
N THR A 299 16.12 -0.05 7.65
CA THR A 299 15.92 -0.49 9.04
C THR A 299 14.45 -0.56 9.42
N ASP A 300 13.58 0.22 8.77
CA ASP A 300 12.13 0.11 9.04
C ASP A 300 11.63 -1.25 8.59
N VAL A 301 12.07 -1.68 7.40
CA VAL A 301 11.70 -2.99 6.87
C VAL A 301 12.17 -4.09 7.84
N LEU A 302 13.43 -4.00 8.31
CA LEU A 302 13.98 -4.99 9.23
C LEU A 302 13.14 -5.09 10.50
N LYS A 303 12.79 -3.95 11.08
CA LYS A 303 12.00 -3.92 12.29
C LYS A 303 10.63 -4.57 12.09
N ALA A 304 9.95 -4.26 10.99
CA ALA A 304 8.67 -4.87 10.73
C ALA A 304 8.76 -6.38 10.60
N LEU A 305 9.78 -6.88 9.90
CA LEU A 305 9.95 -8.34 9.78
C LEU A 305 10.30 -8.97 11.12
N ALA A 306 11.12 -8.32 11.93
CA ALA A 306 11.44 -8.86 13.26
C ALA A 306 10.23 -9.02 14.12
N LEU A 307 9.24 -8.13 13.95
CA LEU A 307 7.99 -8.17 14.73
C LEU A 307 6.93 -9.03 14.06
N GLY A 308 7.26 -9.71 12.96
CA GLY A 308 6.41 -10.77 12.43
C GLY A 308 5.70 -10.47 11.14
N ALA A 309 5.86 -9.27 10.56
CA ALA A 309 5.33 -9.01 9.22
C ALA A 309 6.04 -9.85 8.16
N LYS A 310 5.30 -10.34 7.17
CA LYS A 310 5.91 -11.06 6.02
C LYS A 310 6.58 -10.09 5.06
N ALA A 311 5.97 -8.92 4.88
CA ALA A 311 6.45 -7.91 3.95
C ALA A 311 5.83 -6.61 4.33
N VAL A 312 6.41 -5.54 3.78
CA VAL A 312 5.86 -4.19 3.95
C VAL A 312 5.52 -3.60 2.59
N PHE A 313 4.61 -2.62 2.60
CA PHE A 313 4.22 -1.84 1.44
C PHE A 313 4.60 -0.39 1.66
N VAL A 314 5.02 0.27 0.56
CA VAL A 314 5.38 1.67 0.55
C VAL A 314 4.40 2.42 -0.31
N GLY A 315 3.95 3.54 0.21
CA GLY A 315 3.01 4.42 -0.47
C GLY A 315 3.69 5.62 -1.03
N ARG A 316 3.82 6.68 -0.24
CA ARG A 316 4.33 7.96 -0.71
C ARG A 316 5.70 7.89 -1.42
N PRO A 317 6.65 7.07 -0.93
CA PRO A 317 7.97 7.08 -1.62
C PRO A 317 7.87 6.81 -3.12
N ILE A 318 6.92 5.98 -3.52
CA ILE A 318 6.73 5.62 -4.93
C ILE A 318 6.30 6.85 -5.71
N VAL A 319 5.37 7.60 -5.15
CA VAL A 319 4.89 8.83 -5.81
C VAL A 319 6.02 9.84 -5.97
N TRP A 320 6.90 9.91 -4.95
CA TRP A 320 8.02 10.84 -5.06
C TRP A 320 9.00 10.36 -6.15
N GLY A 321 9.17 9.04 -6.29
CA GLY A 321 9.96 8.52 -7.41
C GLY A 321 9.40 8.92 -8.75
N LEU A 322 8.10 8.74 -8.92
CA LEU A 322 7.44 9.20 -10.16
C LEU A 322 7.70 10.68 -10.42
N ALA A 323 7.56 11.50 -9.38
CA ALA A 323 7.68 12.97 -9.55
C ALA A 323 9.10 13.32 -10.02
N PHE A 324 10.12 12.59 -9.57
CA PHE A 324 11.49 12.80 -10.03
C PHE A 324 11.65 12.39 -11.51
N GLN A 325 11.33 11.16 -11.86
CA GLN A 325 11.68 10.64 -13.20
C GLN A 325 10.90 9.43 -13.64
N GLY A 326 9.60 9.41 -13.34
CA GLY A 326 8.76 8.37 -13.86
C GLY A 326 9.26 6.98 -13.49
N GLU A 327 9.25 6.06 -14.45
CA GLU A 327 9.66 4.67 -14.20
C GLU A 327 11.06 4.62 -13.55
N LYS A 328 12.02 5.35 -14.10
CA LYS A 328 13.38 5.36 -13.58
C LYS A 328 13.42 5.82 -12.14
N GLY A 329 12.59 6.82 -11.81
CA GLY A 329 12.55 7.33 -10.44
C GLY A 329 11.95 6.32 -9.47
N VAL A 330 10.89 5.60 -9.88
CA VAL A 330 10.35 4.53 -9.02
C VAL A 330 11.38 3.41 -8.85
N GLN A 331 12.10 3.05 -9.94
CA GLN A 331 13.12 2.04 -9.87
C GLN A 331 14.22 2.48 -8.90
N ASP A 332 14.60 3.75 -8.93
CA ASP A 332 15.65 4.24 -8.04
C ASP A 332 15.20 4.13 -6.58
N VAL A 333 13.95 4.54 -6.28
CA VAL A 333 13.45 4.50 -4.93
C VAL A 333 13.45 3.05 -4.41
N LEU A 334 12.96 2.12 -5.24
CA LEU A 334 12.94 0.72 -4.82
C LEU A 334 14.33 0.14 -4.66
N GLU A 335 15.27 0.56 -5.52
CA GLU A 335 16.65 0.11 -5.36
C GLU A 335 17.33 0.68 -4.13
N ILE A 336 17.02 1.91 -3.76
CA ILE A 336 17.55 2.46 -2.51
C ILE A 336 17.02 1.65 -1.32
N LEU A 337 15.71 1.40 -1.29
CA LEU A 337 15.13 0.61 -0.19
C LEU A 337 15.73 -0.78 -0.12
N LYS A 338 15.92 -1.41 -1.29
CA LYS A 338 16.51 -2.75 -1.34
C LYS A 338 17.94 -2.75 -0.79
N GLU A 339 18.76 -1.77 -1.19
CA GLU A 339 20.12 -1.69 -0.71
C GLU A 339 20.20 -1.35 0.76
N GLU A 340 19.37 -0.42 1.22
CA GLU A 340 19.37 -0.13 2.65
C GLU A 340 18.94 -1.35 3.45
N PHE A 341 17.98 -2.12 2.93
CA PHE A 341 17.53 -3.32 3.63
C PHE A 341 18.64 -4.38 3.66
N ARG A 342 19.32 -4.57 2.52
CA ARG A 342 20.47 -5.50 2.47
C ARG A 342 21.50 -5.12 3.52
N LEU A 343 21.87 -3.86 3.56
CA LEU A 343 22.87 -3.43 4.52
C LEU A 343 22.40 -3.65 5.97
N ALA A 344 21.16 -3.33 6.24
CA ALA A 344 20.63 -3.51 7.58
C ALA A 344 20.64 -4.98 7.99
N MET A 345 20.23 -5.86 7.07
CA MET A 345 20.33 -7.31 7.33
C MET A 345 21.77 -7.71 7.64
N ALA A 346 22.71 -7.29 6.81
CA ALA A 346 24.08 -7.67 6.98
C ALA A 346 24.66 -7.19 8.30
N LEU A 347 24.43 -5.93 8.62
CA LEU A 347 24.97 -5.36 9.85
C LEU A 347 24.35 -5.96 11.09
N SER A 348 23.15 -6.51 10.96
N SER A 348 23.14 -6.52 10.99
N SER A 348 23.15 -6.51 10.96
N SER A 348 23.14 -6.52 10.99
CA SER A 348 22.43 -7.19 12.05
CA SER A 348 22.49 -7.18 12.11
CA SER A 348 22.43 -7.19 12.05
CA SER A 348 22.49 -7.18 12.11
C SER A 348 22.74 -8.68 12.16
C SER A 348 22.68 -8.71 12.12
C SER A 348 22.74 -8.68 12.16
C SER A 348 22.68 -8.71 12.12
N GLY A 349 23.47 -9.24 11.19
CA GLY A 349 23.85 -10.66 11.20
C GLY A 349 22.89 -11.59 10.53
N CYS A 350 22.01 -11.09 9.67
CA CYS A 350 20.95 -11.88 9.02
C CYS A 350 21.33 -12.25 7.59
N GLN A 351 21.44 -13.55 7.31
CA GLN A 351 21.75 -14.07 5.99
C GLN A 351 20.55 -14.07 5.04
N ASN A 352 19.35 -14.17 5.59
CA ASN A 352 18.13 -14.34 4.81
C ASN A 352 16.96 -13.87 5.66
N VAL A 353 15.75 -13.78 5.10
CA VAL A 353 14.63 -13.24 5.86
C VAL A 353 14.09 -14.19 6.90
N LYS A 354 14.40 -15.48 6.79
CA LYS A 354 13.86 -16.51 7.70
C LYS A 354 14.52 -16.44 9.07
N VAL A 355 15.69 -15.78 9.17
CA VAL A 355 16.42 -15.66 10.45
C VAL A 355 16.32 -14.25 11.06
N ILE A 356 15.40 -13.41 10.57
CA ILE A 356 15.12 -12.12 11.16
C ILE A 356 14.14 -12.31 12.33
N ASP A 357 14.68 -12.43 13.53
CA ASP A 357 13.92 -12.89 14.70
C ASP A 357 13.57 -11.75 15.65
N LYS A 358 12.69 -12.01 16.62
CA LYS A 358 12.15 -11.03 17.53
C LYS A 358 13.23 -10.48 18.46
N THR A 359 14.30 -11.21 18.72
CA THR A 359 15.34 -10.67 19.64
C THR A 359 16.14 -9.53 19.01
N LEU A 360 16.00 -9.32 17.71
CA LEU A 360 16.63 -8.17 17.07
C LEU A 360 16.07 -6.82 17.47
N VAL A 361 14.87 -6.74 18.08
CA VAL A 361 14.28 -5.46 18.42
C VAL A 361 13.82 -5.40 19.84
N ARG A 362 13.83 -4.21 20.43
CA ARG A 362 13.20 -3.94 21.71
C ARG A 362 12.65 -2.52 21.74
N LYS A 363 11.47 -2.34 22.33
CA LYS A 363 10.95 -0.98 22.67
C LYS A 363 10.92 -0.80 24.20
N1 FMN B . -5.19 3.23 0.02
C2 FMN B . -6.15 2.59 -0.70
O2 FMN B . -6.63 1.55 -0.21
N3 FMN B . -6.53 3.06 -1.93
C4 FMN B . -6.10 4.19 -2.46
O4 FMN B . -6.49 4.56 -3.56
C4A FMN B . -5.08 4.95 -1.75
N5 FMN B . -4.59 6.10 -2.24
C5A FMN B . -3.61 6.75 -1.58
C6 FMN B . -3.07 7.94 -2.10
C7 FMN B . -2.04 8.56 -1.41
C7M FMN B . -1.45 9.81 -1.99
C8 FMN B . -1.55 8.03 -0.13
C8M FMN B . -0.42 8.75 0.57
C9 FMN B . -2.08 6.85 0.37
C9A FMN B . -3.12 6.20 -0.29
N10 FMN B . -3.68 5.02 0.23
C10 FMN B . -4.67 4.37 -0.48
C1' FMN B . -3.12 4.40 1.44
C2' FMN B . -1.86 3.58 1.00
O2' FMN B . -2.26 2.34 0.34
C3' FMN B . -0.95 3.17 2.15
O3' FMN B . -1.76 2.59 3.18
C4' FMN B . -0.11 4.32 2.71
O4' FMN B . 0.35 5.15 1.63
C5' FMN B . 1.08 3.77 3.43
O5' FMN B . 1.84 4.76 4.13
P FMN B . 3.11 5.53 3.49
O1P FMN B . 4.06 4.56 2.86
O2P FMN B . 3.66 6.18 4.72
O3P FMN B . 2.61 6.54 2.48
N1 GWS C . -17.61 -18.23 6.00
N1 GWS C . -17.61 -18.23 6.00
C4 GWS C . -11.27 -19.16 -0.46
C4 GWS C . -11.27 -19.16 -0.46
C5 GWS C . -11.66 -19.26 -1.90
C5 GWS C . -11.66 -19.26 -1.90
C6 GWS C . -13.10 -18.97 -2.25
C6 GWS C . -13.10 -18.97 -2.25
C7 GWS C . -14.15 -19.36 -1.26
C7 GWS C . -14.15 -19.36 -1.26
C8 GWS C . -16.87 -18.56 3.72
C8 GWS C . -16.87 -18.56 3.72
C10 GWS C . -18.69 -17.08 4.15
C10 GWS C . -18.69 -17.08 4.15
O GWS C . -16.87 -18.91 0.79
O GWS C . -16.87 -18.91 0.79
C GWS C . -15.95 -19.30 1.53
C GWS C . -15.95 -19.30 1.53
N GWS C . -15.93 -19.18 2.92
N GWS C . -15.93 -19.18 2.92
C12 GWS C . -16.80 -18.81 5.11
C12 GWS C . -16.80 -18.81 5.11
C11 GWS C . -18.56 -17.38 5.52
C11 GWS C . -18.56 -17.38 5.52
C9 GWS C . -17.84 -17.69 3.23
C9 GWS C . -17.84 -17.69 3.23
C1 GWS C . -14.75 -20.01 1.01
C1 GWS C . -14.75 -20.01 1.01
C2 GWS C . -13.83 -19.12 0.19
C2 GWS C . -13.83 -19.12 0.19
C3 GWS C . -12.36 -19.34 0.60
C3 GWS C . -12.36 -19.34 0.60
#